data_6LZO
#
_entry.id   6LZO
#
_cell.length_a   92.772
_cell.length_b   92.772
_cell.length_c   129.103
_cell.angle_alpha   90.000
_cell.angle_beta   90.000
_cell.angle_gamma   120.000
#
_symmetry.space_group_name_H-M   'P 61 2 2'
#
loop_
_entity.id
_entity.type
_entity.pdbx_description
1 polymer Thermolysin
2 non-polymer 'CALCIUM ION'
3 non-polymer 1,10-PHENANTHROLINE
4 water water
#
_entity_poly.entity_id   1
_entity_poly.type   'polypeptide(L)'
_entity_poly.pdbx_seq_one_letter_code
;ITGTSTVGVGRGVLGDQKNINTTYSTYYYLQDNTRGNGIFTYDAKYRTTLPGSLWADADNQFFASYDAPAVDAHYYAGVT
YDYYKNVHNRLSYDGNNAAIRSSVHYSQGYNNAFWNGSQMVYGDGDGQTFIPLSGGIDVVAHELTHAVTDYTAGLIYQNE
SGAINEAISDIFGTLVEFYANKNPDWEIGEDVYTPGISGDSLRSMSDPAKYGDPDHYSKRYTGTQDNGGVHINSGIINKA
AYLISQGGTHYGVSVVGIGRDKLGKIFYRALTQYLTPTSNFSQLRAAAVQSATDLYGSTSQEVASVKQAFDAVGVK
;
_entity_poly.pdbx_strand_id   A
#
loop_
_chem_comp.id
_chem_comp.type
_chem_comp.name
_chem_comp.formula
CA non-polymer 'CALCIUM ION' 'Ca 2'
PHN non-polymer 1,10-PHENANTHROLINE 'C12 H8 N2'
#
# COMPACT_ATOMS: atom_id res chain seq x y z
N ILE A 1 -19.24 -17.31 -4.08
CA ILE A 1 -20.55 -18.02 -4.26
C ILE A 1 -21.00 -17.84 -5.73
N THR A 2 -21.81 -18.78 -6.23
CA THR A 2 -22.35 -18.75 -7.61
C THR A 2 -23.59 -17.86 -7.59
N GLY A 3 -23.68 -16.92 -8.52
CA GLY A 3 -24.86 -16.02 -8.60
C GLY A 3 -24.66 -15.02 -9.72
N THR A 4 -25.41 -13.92 -9.71
CA THR A 4 -25.32 -12.92 -10.80
C THR A 4 -24.65 -11.64 -10.30
N SER A 5 -23.84 -11.04 -11.16
CA SER A 5 -23.08 -9.82 -10.85
C SER A 5 -24.06 -8.65 -10.76
N THR A 6 -23.98 -7.88 -9.67
CA THR A 6 -24.86 -6.72 -9.42
C THR A 6 -24.02 -5.52 -8.96
N VAL A 7 -24.69 -4.39 -8.76
CA VAL A 7 -24.03 -3.15 -8.29
C VAL A 7 -24.84 -2.62 -7.13
N GLY A 8 -24.26 -2.66 -5.95
CA GLY A 8 -24.83 -2.11 -4.71
C GLY A 8 -24.31 -0.71 -4.47
N VAL A 9 -24.74 -0.13 -3.38
CA VAL A 9 -24.29 1.21 -2.98
C VAL A 9 -24.16 1.17 -1.47
N GLY A 10 -23.25 1.98 -0.96
CA GLY A 10 -23.15 2.15 0.48
C GLY A 10 -22.20 3.30 0.78
N ARG A 11 -21.81 3.40 2.04
CA ARG A 11 -21.00 4.52 2.53
C ARG A 11 -19.77 3.93 3.21
N GLY A 12 -18.65 4.55 2.88
CA GLY A 12 -17.35 4.20 3.46
C GLY A 12 -17.12 4.81 4.83
N VAL A 13 -15.93 4.55 5.38
CA VAL A 13 -15.57 4.93 6.76
C VAL A 13 -15.67 6.45 6.96
N LEU A 14 -15.24 7.24 5.97
CA LEU A 14 -15.29 8.74 6.01
C LEU A 14 -16.68 9.28 5.62
N GLY A 15 -17.70 8.44 5.45
CA GLY A 15 -19.10 8.84 5.19
C GLY A 15 -19.39 9.11 3.72
N ASP A 16 -18.49 8.73 2.81
CA ASP A 16 -18.59 9.01 1.36
C ASP A 16 -19.38 7.86 0.72
N GLN A 17 -20.21 8.21 -0.25
CA GLN A 17 -21.09 7.25 -0.91
C GLN A 17 -20.30 6.63 -2.04
N LYS A 18 -20.37 5.31 -2.21
CA LYS A 18 -19.75 4.70 -3.42
C LYS A 18 -20.50 3.44 -3.84
N ASN A 19 -20.35 3.16 -5.10
CA ASN A 19 -20.91 1.97 -5.75
C ASN A 19 -19.94 0.81 -5.52
N ILE A 20 -20.50 -0.37 -5.31
CA ILE A 20 -19.70 -1.60 -5.10
C ILE A 20 -20.27 -2.74 -5.93
N ASN A 21 -19.34 -3.51 -6.50
CA ASN A 21 -19.63 -4.75 -7.26
C ASN A 21 -19.99 -5.86 -6.26
N THR A 22 -21.19 -6.41 -6.37
CA THR A 22 -21.72 -7.45 -5.47
C THR A 22 -22.21 -8.63 -6.33
N THR A 23 -22.64 -9.68 -5.68
CA THR A 23 -23.14 -10.92 -6.30
C THR A 23 -24.45 -11.25 -5.63
N TYR A 24 -25.51 -11.47 -6.40
CA TYR A 24 -26.82 -11.78 -5.81
C TYR A 24 -27.06 -13.29 -5.89
N SER A 25 -27.33 -13.89 -4.73
CA SER A 25 -27.83 -15.25 -4.55
C SER A 25 -28.57 -15.31 -3.20
N THR A 26 -29.89 -15.10 -3.22
CA THR A 26 -30.79 -14.90 -2.05
C THR A 26 -30.43 -13.60 -1.32
N TYR A 27 -29.18 -13.47 -0.88
CA TYR A 27 -28.60 -12.21 -0.38
C TYR A 27 -27.71 -11.56 -1.45
N TYR A 28 -27.28 -10.31 -1.20
CA TYR A 28 -26.26 -9.59 -2.01
C TYR A 28 -24.93 -9.66 -1.25
N TYR A 29 -23.93 -10.28 -1.84
CA TYR A 29 -22.60 -10.50 -1.20
C TYR A 29 -21.59 -9.50 -1.71
N LEU A 30 -20.63 -9.13 -0.85
CA LEU A 30 -19.45 -8.35 -1.26
C LEU A 30 -18.49 -9.32 -1.96
N GLN A 31 -18.87 -9.61 -3.20
CA GLN A 31 -18.11 -10.46 -4.12
C GLN A 31 -18.16 -9.74 -5.46
N ASP A 32 -17.01 -9.22 -5.89
CA ASP A 32 -16.78 -8.45 -7.14
C ASP A 32 -16.24 -9.40 -8.21
N ASN A 33 -17.09 -9.79 -9.18
CA ASN A 33 -16.70 -10.78 -10.20
C ASN A 33 -16.05 -10.09 -11.39
N THR A 34 -16.00 -8.76 -11.38
CA THR A 34 -15.51 -7.94 -12.53
C THR A 34 -13.98 -7.94 -12.57
N ARG A 35 -13.30 -8.36 -11.51
CA ARG A 35 -11.82 -8.22 -11.45
C ARG A 35 -11.17 -9.56 -11.16
N GLY A 36 -10.45 -10.10 -12.15
CA GLY A 36 -9.76 -11.41 -12.07
C GLY A 36 -10.63 -12.55 -11.57
N ASN A 37 -10.11 -13.30 -10.60
CA ASN A 37 -10.85 -14.42 -9.97
C ASN A 37 -11.73 -13.88 -8.84
N GLY A 38 -11.88 -12.56 -8.74
CA GLY A 38 -12.88 -11.90 -7.89
C GLY A 38 -12.25 -11.15 -6.71
N ILE A 39 -13.02 -10.26 -6.11
CA ILE A 39 -12.65 -9.62 -4.82
C ILE A 39 -13.76 -9.95 -3.84
N PHE A 40 -13.37 -10.50 -2.71
CA PHE A 40 -14.28 -11.05 -1.69
C PHE A 40 -13.95 -10.36 -0.37
N THR A 41 -14.98 -9.89 0.33
CA THR A 41 -14.82 -9.20 1.63
C THR A 41 -15.68 -9.88 2.68
N TYR A 42 -15.07 -10.07 3.84
CA TYR A 42 -15.63 -10.94 4.91
C TYR A 42 -15.75 -10.17 6.21
N ASP A 43 -16.64 -10.65 7.06
CA ASP A 43 -16.85 -10.12 8.43
C ASP A 43 -16.15 -11.06 9.41
N ALA A 44 -15.20 -10.55 10.18
CA ALA A 44 -14.53 -11.30 11.27
C ALA A 44 -15.27 -11.11 12.61
N LYS A 45 -16.29 -10.23 12.67
CA LYS A 45 -17.26 -10.16 13.80
C LYS A 45 -16.60 -9.84 15.13
N TYR A 46 -15.53 -9.08 15.11
CA TYR A 46 -14.78 -8.67 16.33
C TYR A 46 -13.93 -9.82 16.88
N ARG A 47 -13.77 -10.91 16.13
CA ARG A 47 -12.95 -12.07 16.57
C ARG A 47 -11.69 -12.16 15.70
N THR A 48 -10.86 -13.15 15.98
CA THR A 48 -9.54 -13.27 15.28
C THR A 48 -9.50 -14.56 14.48
N THR A 49 -10.63 -15.27 14.38
CA THR A 49 -10.74 -16.44 13.49
C THR A 49 -10.94 -15.93 12.06
N LEU A 50 -10.14 -16.35 11.10
CA LEU A 50 -10.24 -15.81 9.72
C LEU A 50 -10.66 -16.90 8.76
N PRO A 51 -11.29 -16.55 7.61
CA PRO A 51 -11.68 -15.16 7.27
C PRO A 51 -12.95 -14.61 7.91
N GLY A 52 -13.77 -15.43 8.53
CA GLY A 52 -15.13 -15.08 8.95
C GLY A 52 -16.10 -15.33 7.81
N SER A 53 -17.23 -14.61 7.78
CA SER A 53 -18.36 -14.86 6.86
CA SER A 53 -18.31 -14.91 6.81
C SER A 53 -18.29 -13.91 5.67
N LEU A 54 -18.52 -14.39 4.45
CA LEU A 54 -18.63 -13.52 3.27
C LEU A 54 -19.71 -12.48 3.60
N TRP A 55 -19.42 -11.23 3.29
CA TRP A 55 -20.23 -10.08 3.72
C TRP A 55 -21.52 -10.10 2.86
N ALA A 56 -22.66 -9.97 3.50
CA ALA A 56 -24.00 -10.02 2.85
C ALA A 56 -24.89 -8.88 3.37
N ASP A 57 -25.79 -8.39 2.51
CA ASP A 57 -26.90 -7.49 2.87
C ASP A 57 -28.14 -7.95 2.08
N ALA A 58 -29.31 -7.94 2.69
CA ALA A 58 -30.56 -8.45 2.07
C ALA A 58 -31.00 -7.56 0.90
N ASP A 59 -30.58 -6.30 0.87
CA ASP A 59 -31.12 -5.26 -0.07
C ASP A 59 -30.07 -4.62 -0.98
N ASN A 60 -28.81 -5.10 -1.01
CA ASN A 60 -27.73 -4.53 -1.83
C ASN A 60 -27.44 -3.09 -1.37
N GLN A 61 -27.69 -2.77 -0.10
CA GLN A 61 -27.49 -1.41 0.43
C GLN A 61 -26.61 -1.48 1.68
N PHE A 62 -25.52 -0.74 1.66
CA PHE A 62 -24.43 -0.91 2.65
C PHE A 62 -24.18 0.42 3.37
N PHE A 63 -25.19 0.94 4.06
CA PHE A 63 -25.16 2.26 4.73
C PHE A 63 -25.14 2.14 6.25
N ALA A 64 -25.11 0.94 6.86
CA ALA A 64 -25.03 0.81 8.33
C ALA A 64 -23.62 1.22 8.73
N SER A 65 -23.44 1.79 9.91
CA SER A 65 -22.09 2.16 10.36
C SER A 65 -21.23 0.86 10.37
N TYR A 66 -21.81 -0.27 10.72
CA TYR A 66 -21.13 -1.60 10.77
C TYR A 66 -20.62 -1.99 9.37
N ASP A 67 -21.26 -1.48 8.32
CA ASP A 67 -20.91 -1.80 6.92
C ASP A 67 -19.69 -1.03 6.46
N ALA A 68 -19.43 0.15 7.04
CA ALA A 68 -18.50 1.14 6.46
C ALA A 68 -17.13 0.51 6.14
N PRO A 69 -16.45 -0.17 7.09
CA PRO A 69 -15.12 -0.73 6.81
C PRO A 69 -15.14 -1.77 5.66
N ALA A 70 -16.23 -2.54 5.55
CA ALA A 70 -16.42 -3.59 4.52
C ALA A 70 -16.52 -2.92 3.17
N VAL A 71 -17.31 -1.83 3.07
CA VAL A 71 -17.42 -1.06 1.80
C VAL A 71 -16.04 -0.59 1.32
N ASP A 72 -15.23 -0.02 2.21
CA ASP A 72 -13.93 0.55 1.80
C ASP A 72 -12.90 -0.56 1.52
N ALA A 73 -12.87 -1.65 2.30
CA ALA A 73 -11.91 -2.74 2.02
C ALA A 73 -12.21 -3.27 0.62
N HIS A 74 -13.49 -3.48 0.34
CA HIS A 74 -13.98 -4.04 -0.97
C HIS A 74 -13.64 -3.07 -2.11
N TYR A 75 -14.00 -1.81 -1.95
CA TYR A 75 -13.89 -0.79 -3.03
C TYR A 75 -12.41 -0.48 -3.26
N TYR A 76 -11.62 -0.26 -2.20
CA TYR A 76 -10.18 0.10 -2.39
C TYR A 76 -9.37 -1.11 -2.86
N ALA A 77 -9.79 -2.36 -2.61
CA ALA A 77 -9.11 -3.53 -3.20
C ALA A 77 -9.31 -3.48 -4.72
N GLY A 78 -10.49 -3.08 -5.18
CA GLY A 78 -10.81 -2.92 -6.60
C GLY A 78 -9.97 -1.81 -7.23
N VAL A 79 -9.85 -0.67 -6.55
CA VAL A 79 -8.93 0.40 -7.05
C VAL A 79 -7.51 -0.16 -7.19
N THR A 80 -7.02 -0.81 -6.15
CA THR A 80 -5.63 -1.33 -6.18
C THR A 80 -5.47 -2.30 -7.36
N TYR A 81 -6.41 -3.23 -7.53
CA TYR A 81 -6.37 -4.21 -8.66
C TYR A 81 -6.29 -3.40 -9.97
N ASP A 82 -7.05 -2.32 -10.10
CA ASP A 82 -7.11 -1.47 -11.33
C ASP A 82 -5.76 -0.81 -11.55
N TYR A 83 -5.10 -0.35 -10.49
CA TYR A 83 -3.78 0.28 -10.60
C TYR A 83 -2.78 -0.74 -11.17
N TYR A 84 -2.68 -1.94 -10.59
CA TYR A 84 -1.62 -2.90 -11.00
C TYR A 84 -1.88 -3.31 -12.47
N LYS A 85 -3.13 -3.55 -12.80
CA LYS A 85 -3.54 -4.02 -14.16
C LYS A 85 -3.35 -2.91 -15.18
N ASN A 86 -3.97 -1.73 -14.97
CA ASN A 86 -3.92 -0.61 -15.94
C ASN A 86 -2.49 -0.06 -16.02
N VAL A 87 -1.75 0.02 -14.92
CA VAL A 87 -0.45 0.75 -14.95
C VAL A 87 0.72 -0.19 -15.21
N HIS A 88 0.71 -1.39 -14.64
CA HIS A 88 1.91 -2.27 -14.68
C HIS A 88 1.65 -3.57 -15.41
N ASN A 89 0.46 -3.71 -16.00
CA ASN A 89 0.00 -4.95 -16.67
C ASN A 89 0.19 -6.15 -15.74
N ARG A 90 -0.15 -5.97 -14.46
CA ARG A 90 -0.09 -7.04 -13.44
C ARG A 90 -1.52 -7.40 -13.05
N LEU A 91 -1.84 -8.68 -13.18
CA LEU A 91 -3.17 -9.22 -12.89
C LEU A 91 -3.20 -9.75 -11.46
N SER A 92 -3.73 -8.94 -10.54
CA SER A 92 -3.78 -9.23 -9.09
C SER A 92 -2.37 -9.41 -8.50
N TYR A 93 -2.29 -9.79 -7.24
CA TYR A 93 -1.00 -9.73 -6.54
C TYR A 93 -0.02 -10.80 -7.06
N ASP A 94 -0.52 -11.92 -7.56
CA ASP A 94 0.36 -13.04 -8.01
C ASP A 94 0.63 -12.96 -9.51
N GLY A 95 0.02 -12.04 -10.25
CA GLY A 95 0.22 -11.94 -11.70
C GLY A 95 -0.66 -12.93 -12.46
N ASN A 96 -1.50 -13.68 -11.75
CA ASN A 96 -2.40 -14.67 -12.37
C ASN A 96 -3.81 -14.53 -11.79
N ASN A 97 -4.25 -13.30 -11.48
CA ASN A 97 -5.65 -13.00 -11.13
C ASN A 97 -6.09 -13.73 -9.86
N ALA A 98 -5.18 -13.99 -8.92
CA ALA A 98 -5.56 -14.52 -7.60
C ALA A 98 -6.74 -13.70 -7.06
N ALA A 99 -7.70 -14.40 -6.50
CA ALA A 99 -8.78 -13.79 -5.70
C ALA A 99 -8.20 -12.89 -4.59
N ILE A 100 -8.74 -11.69 -4.43
CA ILE A 100 -8.36 -10.79 -3.31
C ILE A 100 -9.37 -10.93 -2.18
N ARG A 101 -8.89 -11.41 -1.03
CA ARG A 101 -9.78 -11.65 0.12
C ARG A 101 -9.39 -10.71 1.26
N SER A 102 -10.40 -10.04 1.82
CA SER A 102 -10.23 -9.08 2.94
C SER A 102 -11.18 -9.45 4.06
N SER A 103 -10.74 -9.34 5.31
CA SER A 103 -11.60 -9.48 6.49
C SER A 103 -11.61 -8.13 7.24
N VAL A 104 -12.80 -7.66 7.65
CA VAL A 104 -12.87 -6.43 8.49
C VAL A 104 -13.46 -6.78 9.84
N HIS A 105 -13.45 -5.80 10.75
CA HIS A 105 -13.89 -5.99 12.15
C HIS A 105 -13.03 -7.10 12.78
N TYR A 106 -11.73 -7.08 12.51
CA TYR A 106 -10.83 -8.09 13.13
C TYR A 106 -10.53 -7.63 14.56
N SER A 107 -10.82 -8.47 15.53
CA SER A 107 -10.58 -8.23 16.98
C SER A 107 -11.39 -7.03 17.50
N GLN A 108 -11.05 -6.55 18.70
CA GLN A 108 -11.77 -5.43 19.34
C GLN A 108 -10.78 -4.28 19.51
N GLY A 109 -11.08 -3.15 18.87
CA GLY A 109 -10.28 -1.93 18.99
C GLY A 109 -8.85 -2.09 18.53
N TYR A 110 -8.60 -2.86 17.47
CA TYR A 110 -7.25 -3.23 17.00
C TYR A 110 -6.71 -2.17 16.06
N ASN A 111 -5.59 -1.58 16.45
CA ASN A 111 -4.98 -0.43 15.74
C ASN A 111 -4.04 -0.93 14.66
N ASN A 112 -4.48 -1.85 13.79
CA ASN A 112 -3.56 -2.38 12.78
C ASN A 112 -4.35 -2.99 11.62
N ALA A 113 -3.62 -3.24 10.55
CA ALA A 113 -4.06 -3.91 9.31
C ALA A 113 -2.87 -4.70 8.80
N PHE A 114 -3.09 -5.84 8.17
CA PHE A 114 -1.98 -6.66 7.63
C PHE A 114 -2.45 -7.60 6.54
N TRP A 115 -1.46 -8.03 5.75
CA TRP A 115 -1.45 -9.22 4.86
C TRP A 115 -0.95 -10.41 5.68
N ASN A 116 -1.76 -11.44 5.81
CA ASN A 116 -1.47 -12.57 6.72
C ASN A 116 -0.85 -13.74 5.94
N GLY A 117 -0.44 -13.53 4.70
CA GLY A 117 0.10 -14.58 3.81
C GLY A 117 -0.93 -15.07 2.80
N SER A 118 -2.23 -14.83 3.06
CA SER A 118 -3.35 -15.33 2.22
C SER A 118 -4.39 -14.23 1.94
N GLN A 119 -4.49 -13.25 2.82
CA GLN A 119 -5.62 -12.28 2.77
C GLN A 119 -5.26 -10.99 3.52
N MET A 120 -6.06 -9.95 3.28
CA MET A 120 -5.96 -8.70 4.06
C MET A 120 -6.81 -8.81 5.28
N VAL A 121 -6.37 -8.16 6.33
CA VAL A 121 -7.08 -8.18 7.62
C VAL A 121 -7.08 -6.74 8.13
N TYR A 122 -8.23 -6.19 8.51
CA TYR A 122 -8.37 -4.79 9.06
C TYR A 122 -9.03 -4.76 10.42
N GLY A 123 -8.31 -4.15 11.36
CA GLY A 123 -8.89 -3.71 12.64
C GLY A 123 -9.83 -2.53 12.43
N ASP A 124 -10.62 -2.25 13.44
CA ASP A 124 -11.53 -1.08 13.49
C ASP A 124 -10.85 0.12 14.16
N GLY A 125 -9.65 -0.08 14.73
CA GLY A 125 -8.98 0.95 15.54
C GLY A 125 -9.66 1.12 16.88
N ASP A 126 -9.01 1.79 17.83
CA ASP A 126 -9.62 2.05 19.17
C ASP A 126 -10.49 3.31 19.15
N GLY A 127 -10.62 4.01 18.02
CA GLY A 127 -11.44 5.24 17.88
C GLY A 127 -10.67 6.52 18.20
N GLN A 128 -9.49 6.40 18.81
CA GLN A 128 -8.64 7.56 19.22
C GLN A 128 -7.38 7.58 18.37
N THR A 129 -6.56 6.52 18.45
CA THR A 129 -5.34 6.35 17.63
C THR A 129 -5.75 6.10 16.16
N PHE A 130 -6.85 5.40 15.93
CA PHE A 130 -7.25 4.97 14.57
C PHE A 130 -8.76 4.83 14.49
N ILE A 131 -9.27 5.03 13.29
CA ILE A 131 -10.64 4.60 12.90
C ILE A 131 -10.45 3.41 11.96
N PRO A 132 -11.52 2.69 11.53
CA PRO A 132 -11.31 1.46 10.75
C PRO A 132 -10.31 1.65 9.59
N LEU A 133 -9.29 0.78 9.52
CA LEU A 133 -8.03 1.10 8.79
C LEU A 133 -8.26 0.94 7.29
N SER A 134 -9.32 0.24 6.86
CA SER A 134 -9.70 0.17 5.44
C SER A 134 -10.15 1.53 4.90
N GLY A 135 -10.49 2.50 5.76
CA GLY A 135 -10.82 3.89 5.36
C GLY A 135 -9.71 4.59 4.59
N GLY A 136 -8.46 4.11 4.64
CA GLY A 136 -7.32 4.74 3.98
C GLY A 136 -6.95 3.99 2.71
N ILE A 137 -7.07 4.60 1.53
CA ILE A 137 -6.72 3.90 0.26
C ILE A 137 -5.23 3.56 0.27
N ASP A 138 -4.37 4.43 0.83
CA ASP A 138 -2.92 4.16 0.92
C ASP A 138 -2.68 2.96 1.84
N VAL A 139 -3.50 2.79 2.88
CA VAL A 139 -3.32 1.67 3.84
C VAL A 139 -3.67 0.38 3.07
N VAL A 140 -4.78 0.39 2.36
CA VAL A 140 -5.27 -0.81 1.63
C VAL A 140 -4.20 -1.22 0.60
N ALA A 141 -3.70 -0.27 -0.19
CA ALA A 141 -2.72 -0.53 -1.26
C ALA A 141 -1.38 -0.93 -0.65
N HIS A 142 -1.01 -0.33 0.49
CA HIS A 142 0.22 -0.71 1.22
C HIS A 142 0.17 -2.20 1.53
N GLU A 143 -0.93 -2.68 2.10
CA GLU A 143 -1.01 -4.08 2.57
C GLU A 143 -1.04 -5.04 1.36
N LEU A 144 -1.83 -4.75 0.34
CA LEU A 144 -1.89 -5.58 -0.87
C LEU A 144 -0.52 -5.61 -1.55
N THR A 145 0.22 -4.51 -1.45
CA THR A 145 1.57 -4.44 -2.04
C THR A 145 2.49 -5.40 -1.28
N HIS A 146 2.23 -5.71 -0.01
CA HIS A 146 3.07 -6.75 0.66
C HIS A 146 2.88 -8.08 -0.07
N ALA A 147 1.66 -8.36 -0.49
CA ALA A 147 1.32 -9.57 -1.29
C ALA A 147 2.10 -9.57 -2.60
N VAL A 148 2.13 -8.43 -3.31
CA VAL A 148 2.90 -8.30 -4.57
C VAL A 148 4.39 -8.58 -4.30
N THR A 149 4.96 -7.97 -3.26
CA THR A 149 6.37 -8.18 -2.86
C THR A 149 6.61 -9.66 -2.58
N ASP A 150 5.73 -10.29 -1.80
CA ASP A 150 5.94 -11.68 -1.31
C ASP A 150 5.99 -12.63 -2.52
N TYR A 151 5.24 -12.33 -3.58
CA TYR A 151 5.11 -13.16 -4.78
C TYR A 151 6.17 -12.78 -5.80
N THR A 152 6.97 -11.74 -5.56
CA THR A 152 8.02 -11.29 -6.54
C THR A 152 9.38 -11.33 -5.87
N ALA A 153 9.93 -10.20 -5.42
CA ALA A 153 11.28 -10.13 -4.80
C ALA A 153 11.36 -11.04 -3.56
N GLY A 154 10.27 -11.15 -2.81
CA GLY A 154 10.24 -12.00 -1.58
C GLY A 154 11.13 -11.37 -0.49
N LEU A 155 11.33 -10.06 -0.51
CA LEU A 155 12.15 -9.32 0.50
C LEU A 155 11.83 -9.78 1.91
N ILE A 156 12.83 -10.29 2.64
CA ILE A 156 12.67 -10.81 4.02
C ILE A 156 12.34 -9.63 4.93
N TYR A 157 11.36 -9.80 5.81
CA TYR A 157 10.80 -8.73 6.66
C TYR A 157 11.70 -8.53 7.87
N GLN A 158 12.95 -8.19 7.62
CA GLN A 158 13.92 -7.89 8.71
C GLN A 158 15.03 -7.00 8.17
N ASN A 159 15.49 -6.03 8.97
CA ASN A 159 16.71 -5.23 8.68
C ASN A 159 16.52 -4.50 7.33
N GLU A 160 17.54 -4.41 6.49
CA GLU A 160 17.46 -3.54 5.28
C GLU A 160 16.49 -4.12 4.26
N SER A 161 16.44 -5.44 4.04
CA SER A 161 15.48 -6.00 3.06
C SER A 161 14.08 -5.70 3.57
N GLY A 162 13.86 -5.77 4.88
CA GLY A 162 12.54 -5.50 5.46
C GLY A 162 12.15 -4.03 5.33
N ALA A 163 13.10 -3.12 5.54
CA ALA A 163 12.90 -1.67 5.32
C ALA A 163 12.59 -1.40 3.86
N ILE A 164 13.21 -2.10 2.91
CA ILE A 164 12.82 -1.94 1.47
C ILE A 164 11.40 -2.48 1.30
N ASN A 165 11.11 -3.65 1.86
CA ASN A 165 9.74 -4.23 1.82
C ASN A 165 8.70 -3.18 2.25
N GLU A 166 8.93 -2.54 3.41
CA GLU A 166 8.00 -1.50 3.91
C GLU A 166 7.95 -0.32 2.93
N ALA A 167 9.09 0.14 2.43
CA ALA A 167 9.17 1.32 1.54
C ALA A 167 8.45 1.03 0.23
N ILE A 168 8.55 -0.18 -0.30
CA ILE A 168 7.78 -0.54 -1.53
C ILE A 168 6.29 -0.43 -1.24
N SER A 169 5.81 -0.88 -0.09
CA SER A 169 4.39 -0.79 0.29
C SER A 169 3.96 0.68 0.42
N ASP A 170 4.81 1.55 0.99
CA ASP A 170 4.52 2.99 1.18
C ASP A 170 4.50 3.68 -0.19
N ILE A 171 5.47 3.38 -1.03
CA ILE A 171 5.60 3.94 -2.40
C ILE A 171 4.35 3.56 -3.18
N PHE A 172 3.99 2.26 -3.25
CA PHE A 172 2.89 1.87 -4.15
C PHE A 172 1.56 2.24 -3.52
N GLY A 173 1.48 2.25 -2.20
CA GLY A 173 0.30 2.77 -1.48
C GLY A 173 0.02 4.20 -1.89
N THR A 174 1.08 5.03 -1.91
CA THR A 174 1.02 6.47 -2.28
C THR A 174 0.69 6.58 -3.79
N LEU A 175 1.28 5.76 -4.67
CA LEU A 175 0.98 5.86 -6.13
C LEU A 175 -0.46 5.43 -6.43
N VAL A 176 -1.03 4.46 -5.68
CA VAL A 176 -2.46 4.09 -5.80
C VAL A 176 -3.35 5.24 -5.30
N GLU A 177 -3.03 5.84 -4.15
CA GLU A 177 -3.69 7.07 -3.70
C GLU A 177 -3.72 8.10 -4.84
N PHE A 178 -2.60 8.35 -5.50
CA PHE A 178 -2.52 9.36 -6.60
C PHE A 178 -3.35 8.89 -7.80
N TYR A 179 -3.30 7.58 -8.11
CA TYR A 179 -4.10 6.99 -9.21
C TYR A 179 -5.59 7.25 -8.97
N ALA A 180 -6.12 6.99 -7.77
CA ALA A 180 -7.53 7.28 -7.40
C ALA A 180 -7.75 8.79 -7.45
N ASN A 181 -6.75 9.56 -7.03
CA ASN A 181 -6.67 11.03 -7.21
C ASN A 181 -7.70 11.76 -6.34
N LYS A 182 -7.89 11.38 -5.07
CA LYS A 182 -8.86 12.04 -4.17
C LYS A 182 -8.08 12.79 -3.09
N ASN A 183 -7.56 13.97 -3.42
CA ASN A 183 -6.67 14.78 -2.53
C ASN A 183 -5.46 13.93 -2.14
N PRO A 184 -4.67 13.39 -3.09
CA PRO A 184 -3.55 12.52 -2.71
C PRO A 184 -2.39 13.30 -2.10
N ASP A 185 -1.53 12.62 -1.37
CA ASP A 185 -0.41 13.23 -0.65
C ASP A 185 0.72 12.20 -0.53
N TRP A 186 1.84 12.64 0.03
CA TRP A 186 3.04 11.79 0.23
C TRP A 186 3.15 11.39 1.71
N GLU A 187 2.02 11.34 2.40
CA GLU A 187 1.93 10.94 3.82
C GLU A 187 1.27 9.55 3.83
N ILE A 188 1.42 8.81 4.92
CA ILE A 188 0.84 7.44 5.03
C ILE A 188 -0.19 7.45 6.15
N GLY A 189 -1.47 7.19 5.82
CA GLY A 189 -2.46 6.85 6.86
C GLY A 189 -3.26 8.04 7.35
N GLU A 190 -3.04 9.21 6.78
CA GLU A 190 -3.71 10.49 7.23
C GLU A 190 -5.24 10.31 7.34
N ASP A 191 -5.87 9.50 6.49
CA ASP A 191 -7.36 9.36 6.52
C ASP A 191 -7.82 8.56 7.72
N VAL A 192 -6.97 7.73 8.34
CA VAL A 192 -7.50 6.84 9.43
C VAL A 192 -6.72 7.01 10.73
N TYR A 193 -5.61 7.75 10.72
CA TYR A 193 -4.75 7.96 11.92
C TYR A 193 -5.22 9.17 12.72
N THR A 194 -5.32 9.02 14.05
CA THR A 194 -5.69 10.06 15.05
C THR A 194 -6.81 10.93 14.48
N PRO A 195 -8.04 10.38 14.33
CA PRO A 195 -9.20 11.12 13.81
C PRO A 195 -9.31 12.60 14.24
N GLY A 196 -9.13 12.87 15.54
CA GLY A 196 -9.40 14.19 16.17
C GLY A 196 -8.16 15.07 16.28
N ILE A 197 -7.15 14.85 15.43
CA ILE A 197 -5.93 15.72 15.31
C ILE A 197 -5.64 15.94 13.82
N SER A 198 -5.63 17.20 13.36
CA SER A 198 -5.62 17.57 11.93
C SER A 198 -4.20 17.55 11.35
N GLY A 199 -4.06 16.91 10.20
CA GLY A 199 -2.87 17.01 9.33
C GLY A 199 -1.65 16.24 9.85
N ASP A 200 -1.84 15.20 10.68
CA ASP A 200 -0.74 14.29 11.10
C ASP A 200 -1.03 12.92 10.46
N SER A 201 -0.03 12.05 10.42
CA SER A 201 -0.11 10.76 9.70
C SER A 201 0.87 9.78 10.34
N LEU A 202 0.82 8.52 9.95
CA LEU A 202 1.78 7.50 10.49
C LEU A 202 3.20 7.89 10.11
N ARG A 203 3.39 8.27 8.86
CA ARG A 203 4.72 8.41 8.24
C ARG A 203 4.59 9.47 7.17
N SER A 204 5.72 10.10 6.87
CA SER A 204 5.86 11.04 5.74
C SER A 204 6.94 10.49 4.83
N MET A 205 6.70 10.45 3.52
CA MET A 205 7.73 10.18 2.50
C MET A 205 8.49 11.47 2.13
N SER A 206 7.83 12.63 2.12
CA SER A 206 8.45 13.94 1.79
C SER A 206 9.40 14.37 2.91
N ASP A 207 9.06 14.09 4.17
CA ASP A 207 9.85 14.49 5.36
C ASP A 207 9.69 13.43 6.44
N PRO A 208 10.31 12.24 6.27
CA PRO A 208 10.22 11.16 7.25
C PRO A 208 10.53 11.61 8.69
N ALA A 209 11.50 12.51 8.85
CA ALA A 209 11.95 13.00 10.17
C ALA A 209 10.85 13.78 10.89
N LYS A 210 9.85 14.30 10.17
CA LYS A 210 8.63 14.95 10.75
C LYS A 210 8.05 14.07 11.86
N TYR A 211 8.11 12.73 11.70
CA TYR A 211 7.59 11.73 12.68
C TYR A 211 8.72 10.85 13.22
N GLY A 212 9.96 11.32 13.17
CA GLY A 212 11.13 10.75 13.87
C GLY A 212 11.82 9.67 13.05
N ASP A 213 11.41 9.47 11.80
CA ASP A 213 12.05 8.45 10.91
C ASP A 213 13.27 9.10 10.25
N PRO A 214 14.35 8.30 10.14
CA PRO A 214 15.59 8.75 9.49
C PRO A 214 15.39 9.05 8.00
N ASP A 215 16.12 10.03 7.50
CA ASP A 215 16.06 10.48 6.09
C ASP A 215 17.45 10.43 5.45
N HIS A 216 18.37 9.71 6.08
CA HIS A 216 19.79 9.53 5.66
C HIS A 216 20.31 8.24 6.31
N TYR A 217 21.03 7.46 5.51
CA TYR A 217 21.62 6.15 5.89
C TYR A 217 22.42 6.27 7.19
N SER A 218 23.17 7.36 7.36
CA SER A 218 23.99 7.62 8.57
C SER A 218 23.13 7.56 9.85
N LYS A 219 21.84 7.87 9.75
CA LYS A 219 20.90 8.00 10.89
C LYS A 219 20.09 6.70 11.06
N ARG A 220 20.49 5.61 10.43
CA ARG A 220 19.65 4.38 10.37
C ARG A 220 19.62 3.71 11.75
N TYR A 221 18.52 3.04 12.06
CA TYR A 221 18.36 2.25 13.29
C TYR A 221 19.03 0.90 13.09
N THR A 222 19.88 0.48 14.01
CA THR A 222 20.67 -0.78 13.89
C THR A 222 20.29 -1.77 14.99
N GLY A 223 19.31 -1.44 15.86
CA GLY A 223 18.91 -2.29 16.99
C GLY A 223 17.92 -3.36 16.56
N THR A 224 17.22 -3.99 17.50
CA THR A 224 16.41 -5.20 17.21
C THR A 224 14.92 -4.88 17.16
N GLN A 225 14.46 -3.73 17.67
CA GLN A 225 13.01 -3.43 17.75
C GLN A 225 12.46 -3.42 16.32
N ASP A 226 11.15 -3.64 16.12
CA ASP A 226 10.45 -3.45 14.82
C ASP A 226 11.18 -4.30 13.76
N ASN A 227 11.59 -5.52 14.12
CA ASN A 227 12.31 -6.45 13.20
C ASN A 227 13.53 -5.74 12.59
N GLY A 228 14.30 -4.97 13.39
CA GLY A 228 15.46 -4.19 12.93
C GLY A 228 15.08 -2.91 12.21
N GLY A 229 13.94 -2.33 12.59
CA GLY A 229 13.48 -0.98 12.20
C GLY A 229 12.86 -0.95 10.82
N VAL A 230 12.14 -2.00 10.42
CA VAL A 230 11.55 -2.06 9.04
C VAL A 230 10.65 -0.84 8.82
N HIS A 231 9.93 -0.37 9.84
CA HIS A 231 8.98 0.78 9.72
C HIS A 231 9.74 2.10 9.95
N ILE A 232 10.99 2.02 10.38
CA ILE A 232 11.83 3.21 10.72
C ILE A 232 12.78 3.49 9.55
N ASN A 233 13.60 2.51 9.19
CA ASN A 233 14.62 2.70 8.14
C ASN A 233 13.92 2.84 6.78
N SER A 234 12.62 2.50 6.67
CA SER A 234 11.82 2.71 5.42
C SER A 234 11.88 4.18 5.00
N GLY A 235 12.05 5.08 5.97
CA GLY A 235 12.12 6.53 5.74
C GLY A 235 13.24 6.89 4.77
N ILE A 236 14.38 6.23 4.85
CA ILE A 236 15.56 6.50 3.99
C ILE A 236 15.18 6.25 2.54
N ILE A 237 14.46 5.16 2.29
CA ILE A 237 14.11 4.71 0.92
C ILE A 237 12.93 5.54 0.48
N ASN A 238 11.98 5.83 1.38
CA ASN A 238 10.78 6.66 1.06
C ASN A 238 11.24 8.05 0.59
N LYS A 239 12.23 8.61 1.27
CA LYS A 239 12.79 9.95 0.94
C LYS A 239 13.43 9.93 -0.46
N ALA A 240 14.22 8.90 -0.77
CA ALA A 240 14.83 8.68 -2.09
C ALA A 240 13.75 8.61 -3.18
N ALA A 241 12.63 7.92 -2.94
CA ALA A 241 11.56 7.75 -3.93
C ALA A 241 10.82 9.09 -4.11
N TYR A 242 10.52 9.77 -3.00
CA TYR A 242 9.95 11.12 -3.03
C TYR A 242 10.87 12.01 -3.93
N LEU A 243 12.17 12.02 -3.66
CA LEU A 243 13.13 12.91 -4.39
C LEU A 243 13.15 12.51 -5.87
N ILE A 244 13.22 11.22 -6.19
CA ILE A 244 13.18 10.76 -7.60
C ILE A 244 11.94 11.34 -8.27
N SER A 245 10.77 11.30 -7.63
CA SER A 245 9.49 11.69 -8.24
C SER A 245 9.45 13.22 -8.34
N GLN A 246 9.61 13.88 -7.20
CA GLN A 246 9.19 15.30 -6.99
C GLN A 246 10.41 16.23 -7.02
N GLY A 247 11.63 15.68 -6.86
CA GLY A 247 12.87 16.47 -6.87
C GLY A 247 13.07 17.17 -5.55
N GLY A 248 14.26 17.76 -5.37
CA GLY A 248 14.57 18.66 -4.25
C GLY A 248 16.03 18.63 -3.92
N THR A 249 16.45 19.41 -2.93
CA THR A 249 17.82 19.39 -2.39
C THR A 249 17.73 18.83 -0.98
N HIS A 250 18.60 17.88 -0.67
CA HIS A 250 18.53 17.13 0.60
C HIS A 250 19.97 16.92 1.05
N TYR A 251 20.32 17.43 2.22
CA TYR A 251 21.73 17.46 2.69
C TYR A 251 22.60 18.00 1.56
N GLY A 252 22.10 19.04 0.90
CA GLY A 252 22.90 19.78 -0.08
C GLY A 252 23.03 19.07 -1.41
N VAL A 253 22.40 17.90 -1.58
CA VAL A 253 22.40 17.18 -2.89
C VAL A 253 21.09 17.49 -3.63
N SER A 254 21.18 17.97 -4.87
CA SER A 254 19.98 18.39 -5.65
C SER A 254 19.57 17.26 -6.58
N VAL A 255 18.26 17.04 -6.68
CA VAL A 255 17.66 15.93 -7.48
C VAL A 255 16.62 16.55 -8.41
N VAL A 256 16.74 16.31 -9.72
CA VAL A 256 15.69 16.71 -10.68
C VAL A 256 14.62 15.61 -10.68
N GLY A 257 13.39 15.98 -10.38
CA GLY A 257 12.25 15.06 -10.34
C GLY A 257 11.98 14.55 -11.73
N ILE A 258 11.47 13.33 -11.85
CA ILE A 258 11.08 12.74 -13.16
C ILE A 258 9.60 12.34 -13.11
N GLY A 259 8.91 12.58 -11.99
CA GLY A 259 7.44 12.40 -11.88
C GLY A 259 7.04 11.03 -11.32
N ARG A 260 5.79 10.87 -10.94
CA ARG A 260 5.29 9.65 -10.25
C ARG A 260 5.31 8.41 -11.18
N ASP A 261 4.92 8.58 -12.44
CA ASP A 261 4.77 7.47 -13.42
C ASP A 261 6.11 6.79 -13.62
N LYS A 262 7.18 7.57 -13.81
CA LYS A 262 8.53 7.02 -14.02
C LYS A 262 9.05 6.44 -12.70
N LEU A 263 8.72 7.07 -11.56
CA LEU A 263 9.06 6.48 -10.24
C LEU A 263 8.43 5.08 -10.20
N GLY A 264 7.16 5.00 -10.52
CA GLY A 264 6.41 3.73 -10.41
C GLY A 264 6.98 2.70 -11.35
N LYS A 265 7.27 3.09 -12.59
CA LYS A 265 7.79 2.16 -13.63
C LYS A 265 9.13 1.61 -13.14
N ILE A 266 10.02 2.47 -12.62
CA ILE A 266 11.39 2.08 -12.21
C ILE A 266 11.31 1.15 -11.00
N PHE A 267 10.53 1.50 -9.99
CA PHE A 267 10.50 0.69 -8.75
C PHE A 267 9.73 -0.60 -9.04
N TYR A 268 8.70 -0.56 -9.90
CA TYR A 268 7.94 -1.80 -10.28
C TYR A 268 8.91 -2.75 -10.97
N ARG A 269 9.72 -2.22 -11.89
CA ARG A 269 10.71 -3.04 -12.62
C ARG A 269 11.74 -3.62 -11.64
N ALA A 270 12.30 -2.79 -10.75
CA ALA A 270 13.28 -3.21 -9.74
C ALA A 270 12.71 -4.36 -8.89
N LEU A 271 11.46 -4.19 -8.45
CA LEU A 271 10.78 -5.13 -7.53
C LEU A 271 10.59 -6.47 -8.25
N THR A 272 10.22 -6.43 -9.52
CA THR A 272 9.82 -7.65 -10.24
C THR A 272 10.97 -8.26 -11.03
N GLN A 273 12.07 -7.56 -11.28
CA GLN A 273 13.12 -8.11 -12.18
C GLN A 273 14.47 -8.21 -11.48
N TYR A 274 14.77 -7.44 -10.42
CA TYR A 274 16.16 -7.33 -9.90
C TYR A 274 16.24 -7.58 -8.39
N LEU A 275 15.26 -7.20 -7.59
CA LEU A 275 15.40 -7.35 -6.11
C LEU A 275 15.25 -8.85 -5.75
N THR A 276 15.92 -9.28 -4.69
CA THR A 276 15.91 -10.66 -4.14
C THR A 276 15.51 -10.60 -2.67
N PRO A 277 15.22 -11.75 -2.02
CA PRO A 277 14.86 -11.76 -0.62
C PRO A 277 15.88 -11.06 0.29
N THR A 278 17.18 -11.02 -0.06
CA THR A 278 18.25 -10.50 0.85
C THR A 278 18.79 -9.13 0.38
N SER A 279 18.13 -8.48 -0.57
CA SER A 279 18.57 -7.18 -1.11
C SER A 279 18.75 -6.18 0.03
N ASN A 280 19.91 -5.52 0.08
CA ASN A 280 20.15 -4.41 1.04
C ASN A 280 20.02 -3.08 0.29
N PHE A 281 20.13 -1.96 0.98
CA PHE A 281 19.84 -0.61 0.42
C PHE A 281 20.72 -0.34 -0.83
N SER A 282 22.00 -0.66 -0.72
CA SER A 282 22.97 -0.48 -1.82
C SER A 282 22.53 -1.35 -3.01
N GLN A 283 22.03 -2.56 -2.77
CA GLN A 283 21.54 -3.44 -3.88
C GLN A 283 20.27 -2.85 -4.48
N LEU A 284 19.46 -2.16 -3.68
CA LEU A 284 18.28 -1.45 -4.20
C LEU A 284 18.76 -0.32 -5.11
N ARG A 285 19.80 0.39 -4.69
CA ARG A 285 20.38 1.46 -5.53
C ARG A 285 20.73 0.87 -6.92
N ALA A 286 21.49 -0.21 -6.94
CA ALA A 286 21.89 -0.93 -8.18
C ALA A 286 20.64 -1.35 -8.99
N ALA A 287 19.63 -1.96 -8.35
CA ALA A 287 18.40 -2.46 -9.02
C ALA A 287 17.67 -1.32 -9.70
N ALA A 288 17.52 -0.18 -9.00
CA ALA A 288 16.80 1.01 -9.49
C ALA A 288 17.57 1.66 -10.66
N VAL A 289 18.89 1.77 -10.55
CA VAL A 289 19.73 2.40 -11.61
C VAL A 289 19.58 1.56 -12.89
N GLN A 290 19.70 0.24 -12.77
CA GLN A 290 19.57 -0.73 -13.89
C GLN A 290 18.15 -0.65 -14.45
N SER A 291 17.12 -0.64 -13.59
CA SER A 291 15.70 -0.54 -14.02
C SER A 291 15.56 0.73 -14.86
N ALA A 292 16.22 1.81 -14.43
CA ALA A 292 16.09 3.14 -15.09
C ALA A 292 16.80 3.07 -16.45
N THR A 293 17.98 2.45 -16.49
CA THR A 293 18.77 2.18 -17.71
C THR A 293 17.95 1.34 -18.67
N ASP A 294 17.51 0.17 -18.23
CA ASP A 294 16.63 -0.69 -19.05
C ASP A 294 15.60 0.18 -19.76
N LEU A 295 14.95 1.08 -19.02
CA LEU A 295 13.73 1.76 -19.46
C LEU A 295 14.07 3.04 -20.23
N TYR A 296 15.19 3.71 -19.93
CA TYR A 296 15.42 5.09 -20.44
C TYR A 296 16.84 5.32 -20.97
N GLY A 297 17.76 4.39 -20.79
CA GLY A 297 19.13 4.51 -21.31
C GLY A 297 20.10 4.95 -20.24
N SER A 298 21.37 4.53 -20.37
CA SER A 298 22.41 4.64 -19.34
C SER A 298 22.87 6.10 -19.18
N THR A 299 22.59 6.99 -20.13
CA THR A 299 22.96 8.43 -20.04
C THR A 299 21.69 9.28 -19.84
N SER A 300 20.56 8.66 -19.56
CA SER A 300 19.24 9.33 -19.37
C SER A 300 19.26 10.20 -18.10
N GLN A 301 18.42 11.24 -18.08
CA GLN A 301 18.11 12.05 -16.87
C GLN A 301 17.58 11.07 -15.81
N GLU A 302 16.82 10.07 -16.25
CA GLU A 302 16.03 9.21 -15.31
C GLU A 302 17.04 8.51 -14.44
N VAL A 303 18.12 7.97 -15.05
CA VAL A 303 19.27 7.29 -14.37
C VAL A 303 20.02 8.34 -13.51
N ALA A 304 20.20 9.56 -14.02
CA ALA A 304 20.93 10.63 -13.29
C ALA A 304 20.20 10.94 -11.97
N SER A 305 18.88 11.13 -12.03
CA SER A 305 18.01 11.45 -10.87
C SER A 305 17.99 10.31 -9.84
N VAL A 306 17.98 9.04 -10.28
CA VAL A 306 18.03 7.88 -9.34
C VAL A 306 19.33 7.97 -8.54
N LYS A 307 20.45 8.24 -9.21
CA LYS A 307 21.78 8.28 -8.57
C LYS A 307 21.80 9.45 -7.57
N GLN A 308 21.27 10.61 -7.97
CA GLN A 308 21.26 11.84 -7.14
C GLN A 308 20.52 11.53 -5.84
N ALA A 309 19.36 10.87 -5.96
CA ALA A 309 18.40 10.62 -4.86
C ALA A 309 19.03 9.66 -3.83
N PHE A 310 19.66 8.59 -4.30
CA PHE A 310 20.37 7.62 -3.42
C PHE A 310 21.58 8.31 -2.80
N ASP A 311 22.37 9.09 -3.56
CA ASP A 311 23.46 9.91 -2.95
C ASP A 311 22.92 10.80 -1.82
N ALA A 312 21.79 11.48 -2.03
CA ALA A 312 21.23 12.45 -1.07
C ALA A 312 20.93 11.77 0.26
N VAL A 313 20.51 10.49 0.24
CA VAL A 313 20.16 9.74 1.49
C VAL A 313 21.36 8.91 1.96
N GLY A 314 22.54 9.10 1.34
CA GLY A 314 23.81 8.45 1.74
C GLY A 314 23.85 6.98 1.43
N VAL A 315 23.20 6.55 0.36
CA VAL A 315 23.19 5.12 -0.03
C VAL A 315 24.02 5.01 -1.29
N LYS A 316 25.21 4.44 -1.19
CA LYS A 316 26.10 4.27 -2.36
C LYS A 316 25.96 2.82 -2.85
CA CA B . -5.41 12.54 12.46
CA CA C . -1.63 9.37 1.89
N1 PHN D . -5.42 -9.14 17.87
C2 PHN D . -4.94 -10.18 17.20
C3 PHN D . -3.56 -10.39 16.96
C4 PHN D . -2.66 -9.51 17.50
C4A PHN D . -3.12 -8.42 18.27
C5 PHN D . -2.23 -7.46 18.86
C6 PHN D . -2.71 -6.44 19.60
C6A PHN D . -4.12 -6.24 19.77
C7 PHN D . -4.66 -5.15 20.48
C8 PHN D . -6.01 -4.98 20.55
C9 PHN D . -6.84 -5.94 19.94
N10 PHN D . -6.39 -7.02 19.31
C10 PHN D . -5.04 -7.17 19.20
C1A PHN D . -4.52 -8.28 18.43
N1 PHN E . 27.45 12.14 8.56
C2 PHN E . 27.43 11.57 9.76
C3 PHN E . 26.27 11.48 10.56
C4 PHN E . 25.10 11.99 10.06
C4A PHN E . 25.07 12.61 8.79
C5 PHN E . 23.88 13.17 8.24
C6 PHN E . 23.89 13.75 7.03
C6A PHN E . 25.09 13.86 6.27
C7 PHN E . 25.14 14.47 5.01
C8 PHN E . 26.31 14.56 4.34
C9 PHN E . 27.47 14.00 4.92
N10 PHN E . 27.48 13.37 6.10
C10 PHN E . 26.30 13.31 6.78
C1A PHN E . 26.28 12.66 8.07
N1 PHN F . -37.34 4.65 2.04
C2 PHN F . -37.39 4.81 3.36
C3 PHN F . -36.85 5.93 4.03
C4 PHN F . -36.25 6.90 3.29
C4A PHN F . -36.17 6.78 1.89
C5 PHN F . -35.56 7.77 1.08
C6 PHN F . -35.51 7.63 -0.26
C6A PHN F . -36.06 6.47 -0.91
C7 PHN F . -36.00 6.30 -2.31
C8 PHN F . -36.53 5.18 -2.87
C9 PHN F . -37.13 4.22 -2.02
N10 PHN F . -37.21 4.34 -0.70
C10 PHN F . -36.68 5.46 -0.14
C1A PHN F . -36.74 5.62 1.31
N1 PHN G . -32.45 6.60 1.71
C2 PHN G . -32.02 7.36 0.72
C3 PHN G . -32.20 7.05 -0.64
C4 PHN G . -32.79 5.86 -0.96
C4A PHN G . -33.25 5.01 0.05
C5 PHN G . -33.90 3.76 -0.23
C6 PHN G . -34.33 2.97 0.76
C6A PHN G . -34.16 3.34 2.13
C7 PHN G . -34.60 2.54 3.19
C8 PHN G . -34.43 2.95 4.48
C9 PHN G . -33.78 4.18 4.71
N10 PHN G . -33.34 4.98 3.74
C10 PHN G . -33.52 4.56 2.45
C1A PHN G . -33.05 5.41 1.38
N1 PHN H . -30.44 3.38 1.16
C2 PHN H . -30.97 2.57 2.07
C3 PHN H . -30.89 2.77 3.46
C4 PHN H . -30.25 3.89 3.93
C4A PHN H . -29.69 4.78 3.01
C5 PHN H . -29.01 5.97 3.42
C6 PHN H . -28.50 6.82 2.51
C6A PHN H . -28.58 6.57 1.10
C7 PHN H . -28.05 7.44 0.14
C8 PHN H . -28.15 7.15 -1.18
C9 PHN H . -28.82 5.96 -1.57
N10 PHN H . -29.35 5.11 -0.69
C10 PHN H . -29.23 5.40 0.64
C1A PHN H . -29.80 4.49 1.61
N1 PHN I . -7.70 -17.51 1.34
C2 PHN I . -7.95 -16.82 2.44
C3 PHN I . -9.23 -16.75 3.03
C4 PHN I . -10.27 -17.41 2.45
C4A PHN I . -10.06 -18.16 1.29
C5 PHN I . -11.11 -18.88 0.64
C6 PHN I . -10.87 -19.62 -0.47
C6A PHN I . -9.55 -19.66 -1.05
C7 PHN I . -9.27 -20.39 -2.22
C8 PHN I . -8.00 -20.40 -2.73
C9 PHN I . -7.00 -19.66 -2.06
N10 PHN I . -7.21 -18.97 -0.95
C10 PHN I . -8.48 -18.96 -0.44
C1A PHN I . -8.74 -18.19 0.77
N1 PHN J . -20.46 -12.69 -13.45
C2 PHN J . -20.91 -13.82 -12.90
C3 PHN J . -20.14 -14.99 -12.74
C4 PHN J . -18.85 -14.98 -13.16
C4A PHN J . -18.31 -13.81 -13.74
C5 PHN J . -16.95 -13.74 -14.21
C6 PHN J . -16.47 -12.62 -14.77
C6A PHN J . -17.30 -11.44 -14.90
C7 PHN J . -16.81 -10.25 -15.47
C8 PHN J . -17.63 -9.16 -15.57
C9 PHN J . -18.94 -9.27 -15.08
N10 PHN J . -19.45 -10.37 -14.54
C10 PHN J . -18.64 -11.46 -14.44
C1A PHN J . -19.17 -12.68 -13.86
#